data_5O6Z
#
_entry.id   5O6Z
#
_cell.length_a   91.295
_cell.length_b   91.295
_cell.length_c   132.591
_cell.angle_alpha   90.00
_cell.angle_beta   90.00
_cell.angle_gamma   90.00
#
_symmetry.space_group_name_H-M   'I 4 2 2'
#
loop_
_entity.id
_entity.type
_entity.pdbx_description
1 polymer '17-beta-hydroxysteroid dehydrogenase 14'
2 non-polymer NICOTINAMIDE-ADENINE-DINUCLEOTIDE
3 non-polymer 'SODIUM ION'
4 non-polymer beta-D-glucopyranose
5 non-polymer (4-fluoranyl-3-oxidanyl-phenyl)-quinolin-2-yl-methanone
6 water water
#
_entity_poly.entity_id   1
_entity_poly.type   'polypeptide(L)'
_entity_poly.pdbx_seq_one_letter_code
;GHMATGTRYAGKVVVVTGGGRGIGAGIVRAFVNSGARVVICDKDESGGRALEQELPGAVFILCDVTQEDDVKTLVSETIR
RFGRLDCVVNNAGHHPPPQRPEETSAQGFRQLLELNLLGTYTLTKLALPYLRKSQGNVINISSLVGAIGQAQAVPYVATK
GAVTAMTKALALDESPYGVRVNCISPGNIWTPLWEELAALMPDPRATIREGMLAQPLGRMGQPAEVGAAAVFLASEANFC
TGIELLVTGGAELGYGCKASRSTPVDAPDIPSGS
;
_entity_poly.pdbx_strand_id   A
#
# COMPACT_ATOMS: atom_id res chain seq x y z
N GLY A 6 13.49 -17.51 -5.82
CA GLY A 6 13.36 -16.96 -7.16
C GLY A 6 12.27 -17.59 -8.00
N THR A 7 11.49 -18.51 -7.40
CA THR A 7 10.44 -19.21 -8.13
C THR A 7 9.11 -19.22 -7.42
N ARG A 8 8.99 -18.63 -6.23
CA ARG A 8 7.75 -18.72 -5.48
C ARG A 8 6.58 -18.13 -6.24
N TYR A 9 6.82 -17.15 -7.11
CA TYR A 9 5.73 -16.54 -7.85
C TYR A 9 6.10 -16.45 -9.32
N ALA A 10 6.82 -17.46 -9.79
CA ALA A 10 7.24 -17.50 -11.17
C ALA A 10 6.04 -17.59 -12.10
N GLY A 11 6.13 -16.94 -13.24
CA GLY A 11 5.09 -16.99 -14.25
C GLY A 11 3.91 -16.10 -13.98
N LYS A 12 3.91 -15.38 -12.86
CA LYS A 12 2.81 -14.53 -12.45
C LYS A 12 3.09 -13.07 -12.83
N VAL A 13 2.01 -12.31 -12.94
CA VAL A 13 2.08 -10.90 -13.32
C VAL A 13 1.43 -10.06 -12.22
N VAL A 14 2.17 -9.07 -11.74
CA VAL A 14 1.78 -8.26 -10.59
C VAL A 14 1.79 -6.78 -10.96
N VAL A 15 0.76 -6.05 -10.55
CA VAL A 15 0.72 -4.59 -10.67
C VAL A 15 0.90 -4.00 -9.29
N VAL A 16 1.84 -3.06 -9.14
CA VAL A 16 2.05 -2.37 -7.87
C VAL A 16 1.84 -0.88 -8.11
N THR A 17 0.83 -0.30 -7.46
CA THR A 17 0.63 1.12 -7.56
C THR A 17 1.51 1.88 -6.56
N GLY A 18 1.85 3.11 -6.94
CA GLY A 18 2.85 3.86 -6.19
C GLY A 18 4.16 3.11 -6.05
N GLY A 19 4.58 2.40 -7.11
CA GLY A 19 5.73 1.55 -7.02
C GLY A 19 7.06 2.21 -7.24
N GLY A 20 7.09 3.52 -7.41
CA GLY A 20 8.33 4.19 -7.80
C GLY A 20 9.32 4.47 -6.69
N ARG A 21 8.85 4.44 -5.43
CA ARG A 21 9.71 4.69 -4.28
C ARG A 21 9.05 4.10 -3.04
N GLY A 22 9.79 4.12 -1.93
CA GLY A 22 9.20 3.80 -0.64
C GLY A 22 8.76 2.34 -0.57
N ILE A 23 7.64 2.13 0.13
CA ILE A 23 7.13 0.78 0.30
C ILE A 23 6.85 0.14 -1.05
N GLY A 24 6.22 0.89 -1.96
CA GLY A 24 5.89 0.36 -3.27
C GLY A 24 7.09 -0.20 -4.00
N ALA A 25 8.22 0.54 -3.98
CA ALA A 25 9.41 0.03 -4.64
C ALA A 25 9.91 -1.23 -3.94
N GLY A 26 9.80 -1.28 -2.60
CA GLY A 26 10.19 -2.49 -1.90
C GLY A 26 9.35 -3.68 -2.30
N ILE A 27 8.05 -3.44 -2.48
CA ILE A 27 7.16 -4.51 -2.93
C ILE A 27 7.51 -4.95 -4.34
N VAL A 28 7.78 -4.00 -5.25
CA VAL A 28 8.22 -4.33 -6.60
C VAL A 28 9.43 -5.24 -6.54
N ARG A 29 10.44 -4.83 -5.76
CA ARG A 29 11.66 -5.63 -5.71
C ARG A 29 11.38 -7.03 -5.19
N ALA A 30 10.54 -7.14 -4.17
CA ALA A 30 10.26 -8.46 -3.60
C ALA A 30 9.59 -9.36 -4.62
N PHE A 31 8.65 -8.82 -5.40
CA PHE A 31 7.98 -9.65 -6.39
C PHE A 31 8.93 -10.04 -7.53
N VAL A 32 9.76 -9.12 -7.99
CA VAL A 32 10.73 -9.49 -9.02
C VAL A 32 11.63 -10.60 -8.50
N ASN A 33 12.11 -10.48 -7.25
CA ASN A 33 12.96 -11.51 -6.66
C ASN A 33 12.25 -12.85 -6.51
N SER A 34 10.92 -12.86 -6.48
CA SER A 34 10.16 -14.10 -6.40
C SER A 34 9.87 -14.70 -7.76
N GLY A 35 10.33 -14.08 -8.84
CA GLY A 35 10.15 -14.63 -10.17
C GLY A 35 9.02 -14.04 -10.98
N ALA A 36 8.31 -13.05 -10.46
CA ALA A 36 7.16 -12.48 -11.14
C ALA A 36 7.60 -11.39 -12.09
N ARG A 37 6.74 -11.11 -13.07
CA ARG A 37 6.83 -9.89 -13.85
C ARG A 37 5.99 -8.81 -13.18
N VAL A 38 6.53 -7.60 -13.07
CA VAL A 38 5.87 -6.55 -12.30
C VAL A 38 5.66 -5.34 -13.18
N VAL A 39 4.46 -4.79 -13.11
CA VAL A 39 4.13 -3.49 -13.70
C VAL A 39 4.15 -2.46 -12.57
N ILE A 40 5.07 -1.51 -12.67
CA ILE A 40 5.20 -0.41 -11.73
C ILE A 40 4.29 0.72 -12.20
N CYS A 41 3.26 1.06 -11.41
CA CYS A 41 2.41 2.21 -11.66
C CYS A 41 2.83 3.33 -10.73
N ASP A 42 2.98 4.53 -11.28
CA ASP A 42 3.19 5.70 -10.44
C ASP A 42 2.75 6.93 -11.20
N LYS A 43 2.35 7.96 -10.46
CA LYS A 43 2.03 9.25 -11.06
C LYS A 43 3.27 10.05 -11.40
N ASP A 44 4.42 9.65 -10.85
N ASP A 44 4.41 9.70 -10.81
CA ASP A 44 5.69 10.34 -11.02
CA ASP A 44 5.66 10.39 -11.09
C ASP A 44 6.63 9.43 -11.80
C ASP A 44 6.60 9.44 -11.82
N GLU A 45 7.32 10.00 -12.80
CA GLU A 45 8.17 9.20 -13.69
C GLU A 45 9.52 8.85 -13.08
N SER A 46 10.03 9.69 -12.17
CA SER A 46 11.46 9.65 -11.83
C SER A 46 11.89 8.29 -11.28
N GLY A 47 11.29 7.89 -10.16
CA GLY A 47 11.74 6.67 -9.51
C GLY A 47 11.36 5.43 -10.29
N GLY A 48 10.13 5.40 -10.81
CA GLY A 48 9.64 4.21 -11.47
C GLY A 48 10.37 3.91 -12.76
N ARG A 49 10.72 4.96 -13.52
CA ARG A 49 11.47 4.74 -14.76
C ARG A 49 12.84 4.17 -14.47
N ALA A 50 13.50 4.69 -13.45
CA ALA A 50 14.79 4.14 -13.08
C ALA A 50 14.67 2.68 -12.63
N LEU A 51 13.61 2.37 -11.88
CA LEU A 51 13.41 1.01 -11.40
C LEU A 51 13.20 0.05 -12.57
N GLU A 52 12.52 0.49 -13.62
N GLU A 52 12.47 0.46 -13.61
CA GLU A 52 12.34 -0.33 -14.81
CA GLU A 52 12.38 -0.38 -14.80
C GLU A 52 13.66 -0.62 -15.52
C GLU A 52 13.74 -0.68 -15.37
N GLN A 53 14.58 0.36 -15.53
CA GLN A 53 15.90 0.12 -16.11
C GLN A 53 16.71 -0.82 -15.23
N GLU A 54 16.53 -0.71 -13.93
CA GLU A 54 17.35 -1.48 -13.00
C GLU A 54 16.95 -2.95 -12.97
N LEU A 55 15.65 -3.24 -12.99
CA LEU A 55 15.13 -4.59 -12.73
C LEU A 55 14.65 -5.26 -14.00
N PRO A 56 15.33 -6.29 -14.48
CA PRO A 56 14.73 -7.12 -15.50
C PRO A 56 13.49 -7.78 -14.94
N GLY A 57 12.42 -7.69 -15.67
CA GLY A 57 11.15 -8.22 -15.22
C GLY A 57 10.20 -7.18 -14.67
N ALA A 58 10.67 -5.93 -14.47
CA ALA A 58 9.77 -4.84 -14.11
C ALA A 58 9.70 -3.81 -15.23
N VAL A 59 8.50 -3.28 -15.48
CA VAL A 59 8.29 -2.21 -16.44
C VAL A 59 7.47 -1.13 -15.77
N PHE A 60 7.61 0.08 -16.28
CA PHE A 60 6.94 1.25 -15.72
C PHE A 60 5.83 1.74 -16.64
N ILE A 61 4.65 2.00 -16.05
CA ILE A 61 3.53 2.62 -16.73
C ILE A 61 3.10 3.83 -15.91
N LEU A 62 3.18 5.02 -16.52
CA LEU A 62 2.72 6.23 -15.85
C LEU A 62 1.21 6.15 -15.68
N CYS A 63 0.76 6.36 -14.45
CA CYS A 63 -0.66 6.19 -14.16
C CYS A 63 -0.97 6.81 -12.82
N ASP A 64 -1.87 7.79 -12.83
CA ASP A 64 -2.42 8.40 -11.63
C ASP A 64 -3.69 7.64 -11.25
N VAL A 65 -3.69 6.98 -10.09
CA VAL A 65 -4.79 6.09 -9.73
C VAL A 65 -6.07 6.84 -9.44
N THR A 66 -6.03 8.17 -9.32
CA THR A 66 -7.25 8.96 -9.18
C THR A 66 -7.92 9.25 -10.51
N GLN A 67 -7.29 8.87 -11.62
CA GLN A 67 -7.81 9.19 -12.95
C GLN A 67 -8.27 7.88 -13.57
N GLU A 68 -9.60 7.70 -13.67
CA GLU A 68 -10.16 6.40 -14.06
C GLU A 68 -9.62 5.93 -15.40
N ASP A 69 -9.42 6.83 -16.35
CA ASP A 69 -8.94 6.44 -17.67
C ASP A 69 -7.46 6.02 -17.64
N ASP A 70 -6.67 6.64 -16.78
CA ASP A 70 -5.30 6.16 -16.52
C ASP A 70 -5.32 4.72 -16.03
N VAL A 71 -6.22 4.41 -15.10
CA VAL A 71 -6.27 3.06 -14.53
C VAL A 71 -6.80 2.05 -15.54
N LYS A 72 -7.79 2.45 -16.35
N LYS A 72 -7.80 2.44 -16.34
CA LYS A 72 -8.26 1.56 -17.41
CA LYS A 72 -8.26 1.57 -17.42
C LYS A 72 -7.10 1.19 -18.34
C LYS A 72 -7.10 1.19 -18.34
N THR A 73 -6.30 2.18 -18.72
CA THR A 73 -5.17 1.92 -19.60
C THR A 73 -4.11 1.08 -18.90
N LEU A 74 -3.90 1.30 -17.61
CA LEU A 74 -2.95 0.47 -16.86
C LEU A 74 -3.32 -1.00 -16.98
N VAL A 75 -4.60 -1.33 -16.80
CA VAL A 75 -5.01 -2.72 -16.84
C VAL A 75 -4.93 -3.24 -18.27
N SER A 76 -5.43 -2.47 -19.25
CA SER A 76 -5.44 -2.99 -20.61
C SER A 76 -4.02 -3.17 -21.13
N GLU A 77 -3.10 -2.28 -20.74
CA GLU A 77 -1.71 -2.42 -21.19
C GLU A 77 -1.03 -3.60 -20.49
N THR A 78 -1.34 -3.83 -19.21
CA THR A 78 -0.78 -5.00 -18.52
C THR A 78 -1.18 -6.28 -19.25
N ILE A 79 -2.46 -6.40 -19.60
CA ILE A 79 -2.95 -7.58 -20.30
C ILE A 79 -2.36 -7.68 -21.71
N ARG A 80 -2.32 -6.55 -22.43
CA ARG A 80 -1.77 -6.56 -23.78
C ARG A 80 -0.31 -7.01 -23.77
N ARG A 81 0.47 -6.52 -22.81
CA ARG A 81 1.91 -6.80 -22.81
C ARG A 81 2.27 -8.15 -22.19
N PHE A 82 1.49 -8.66 -21.23
CA PHE A 82 1.88 -9.84 -20.47
C PHE A 82 0.87 -10.96 -20.45
N GLY A 83 -0.35 -10.72 -20.93
CA GLY A 83 -1.28 -11.81 -21.19
C GLY A 83 -2.04 -12.36 -19.99
N ARG A 84 -1.86 -11.81 -18.80
CA ARG A 84 -2.55 -12.29 -17.61
C ARG A 84 -2.30 -11.27 -16.52
N LEU A 85 -3.07 -11.37 -15.44
CA LEU A 85 -2.89 -10.52 -14.26
C LEU A 85 -3.22 -11.39 -13.05
N ASP A 86 -2.28 -11.50 -12.12
CA ASP A 86 -2.39 -12.39 -10.97
C ASP A 86 -2.54 -11.69 -9.63
N CYS A 87 -2.01 -10.48 -9.51
CA CYS A 87 -2.00 -9.81 -8.22
C CYS A 87 -1.96 -8.32 -8.45
N VAL A 88 -2.84 -7.58 -7.76
N VAL A 88 -2.79 -7.60 -7.69
CA VAL A 88 -2.75 -6.12 -7.72
CA VAL A 88 -2.81 -6.15 -7.67
C VAL A 88 -2.44 -5.71 -6.29
C VAL A 88 -2.45 -5.73 -6.26
N VAL A 89 -1.42 -4.87 -6.14
CA VAL A 89 -1.01 -4.33 -4.85
C VAL A 89 -1.36 -2.85 -4.87
N ASN A 90 -2.35 -2.46 -4.07
CA ASN A 90 -2.82 -1.09 -4.03
C ASN A 90 -2.05 -0.39 -2.93
N ASN A 91 -0.90 0.17 -3.31
CA ASN A 91 0.00 0.82 -2.39
C ASN A 91 -0.04 2.35 -2.48
N ALA A 92 -0.36 2.93 -3.64
CA ALA A 92 -0.39 4.38 -3.77
C ALA A 92 -1.26 5.00 -2.68
N GLY A 93 -0.73 6.01 -2.03
CA GLY A 93 -1.44 6.69 -0.96
C GLY A 93 -0.58 7.81 -0.44
N HIS A 94 -1.17 8.63 0.41
CA HIS A 94 -0.45 9.78 0.96
C HIS A 94 -0.88 10.01 2.39
N HIS A 95 0.05 10.51 3.21
CA HIS A 95 -0.24 11.02 4.54
C HIS A 95 0.03 12.52 4.54
N PRO A 96 -0.96 13.37 4.74
CA PRO A 96 -0.71 14.82 4.79
C PRO A 96 0.13 15.16 6.00
N PRO A 97 0.67 16.38 6.05
CA PRO A 97 1.29 16.83 7.28
C PRO A 97 0.30 16.78 8.42
N PRO A 98 0.78 16.66 9.65
CA PRO A 98 -0.12 16.71 10.82
C PRO A 98 -1.07 17.90 10.73
N GLN A 99 -2.34 17.65 11.02
CA GLN A 99 -3.38 18.67 10.95
C GLN A 99 -4.34 18.47 12.09
N ARG A 100 -4.55 19.52 12.88
CA ARG A 100 -5.55 19.49 13.92
C ARG A 100 -6.94 19.36 13.30
N PRO A 101 -7.89 18.75 13.99
CA PRO A 101 -9.19 18.53 13.35
C PRO A 101 -9.81 19.80 12.80
N GLU A 102 -9.73 20.90 13.55
CA GLU A 102 -10.35 22.15 13.10
C GLU A 102 -9.62 22.77 11.91
N GLU A 103 -8.42 22.30 11.58
CA GLU A 103 -7.65 22.77 10.44
C GLU A 103 -7.91 21.96 9.17
N THR A 104 -8.65 20.86 9.29
CA THR A 104 -9.00 20.07 8.13
C THR A 104 -10.20 20.69 7.42
N SER A 105 -10.43 20.24 6.18
CA SER A 105 -11.60 20.66 5.43
C SER A 105 -12.26 19.44 4.79
N ALA A 106 -13.55 19.57 4.54
CA ALA A 106 -14.25 18.52 3.84
C ALA A 106 -13.64 18.31 2.47
N GLN A 107 -13.20 19.39 1.81
N GLN A 107 -13.24 19.41 1.82
CA GLN A 107 -12.66 19.21 0.47
CA GLN A 107 -12.61 19.37 0.51
C GLN A 107 -11.30 18.53 0.52
C GLN A 107 -11.32 18.55 0.55
N GLY A 108 -10.47 18.85 1.52
CA GLY A 108 -9.22 18.12 1.66
C GLY A 108 -9.45 16.65 1.97
N PHE A 109 -10.45 16.37 2.80
CA PHE A 109 -10.86 15.02 3.14
C PHE A 109 -11.31 14.27 1.88
N ARG A 110 -12.15 14.90 1.04
CA ARG A 110 -12.56 14.28 -0.22
C ARG A 110 -11.38 13.94 -1.10
N GLN A 111 -10.40 14.85 -1.18
CA GLN A 111 -9.25 14.63 -2.04
C GLN A 111 -8.44 13.45 -1.54
N LEU A 112 -8.27 13.33 -0.23
CA LEU A 112 -7.50 12.21 0.31
C LEU A 112 -8.23 10.90 0.13
N LEU A 113 -9.56 10.93 0.29
CA LEU A 113 -10.36 9.74 -0.02
C LEU A 113 -10.18 9.32 -1.47
N GLU A 114 -10.08 10.28 -2.40
CA GLU A 114 -9.91 9.94 -3.81
C GLU A 114 -8.68 9.12 -4.03
N LEU A 115 -7.59 9.47 -3.37
CA LEU A 115 -6.35 8.72 -3.54
C LEU A 115 -6.36 7.43 -2.72
N ASN A 116 -6.46 7.58 -1.40
CA ASN A 116 -6.20 6.45 -0.52
C ASN A 116 -7.27 5.37 -0.59
N LEU A 117 -8.52 5.74 -0.90
CA LEU A 117 -9.63 4.81 -0.94
C LEU A 117 -10.13 4.54 -2.35
N LEU A 118 -10.55 5.57 -3.08
CA LEU A 118 -11.21 5.33 -4.35
C LEU A 118 -10.23 4.86 -5.41
N GLY A 119 -8.95 5.26 -5.34
CA GLY A 119 -7.98 4.75 -6.30
C GLY A 119 -7.78 3.25 -6.16
N THR A 120 -7.75 2.79 -4.93
CA THR A 120 -7.70 1.35 -4.63
C THR A 120 -8.95 0.67 -5.14
N TYR A 121 -10.12 1.26 -4.86
CA TYR A 121 -11.38 0.71 -5.35
C TYR A 121 -11.38 0.57 -6.89
N THR A 122 -10.94 1.61 -7.59
CA THR A 122 -11.05 1.66 -9.06
C THR A 122 -10.15 0.62 -9.72
N LEU A 123 -8.88 0.58 -9.33
CA LEU A 123 -8.00 -0.46 -9.91
C LEU A 123 -8.53 -1.84 -9.59
N THR A 124 -8.95 -2.07 -8.35
CA THR A 124 -9.44 -3.40 -8.00
C THR A 124 -10.60 -3.78 -8.89
N LYS A 125 -11.55 -2.86 -9.08
CA LYS A 125 -12.71 -3.16 -9.90
C LYS A 125 -12.31 -3.52 -11.32
N LEU A 126 -11.40 -2.75 -11.91
CA LEU A 126 -11.06 -3.01 -13.30
C LEU A 126 -10.22 -4.27 -13.42
N ALA A 127 -9.48 -4.63 -12.38
CA ALA A 127 -8.64 -5.81 -12.41
C ALA A 127 -9.40 -7.10 -12.13
N LEU A 128 -10.50 -7.05 -11.36
CA LEU A 128 -11.12 -8.29 -10.89
C LEU A 128 -11.53 -9.26 -11.99
N PRO A 129 -12.01 -8.83 -13.16
CA PRO A 129 -12.33 -9.84 -14.20
C PRO A 129 -11.12 -10.68 -14.56
N TYR A 130 -9.93 -10.06 -14.60
CA TYR A 130 -8.72 -10.81 -14.94
C TYR A 130 -8.23 -11.64 -13.76
N LEU A 131 -8.37 -11.13 -12.53
CA LEU A 131 -7.99 -11.90 -11.35
C LEU A 131 -8.88 -13.13 -11.19
N ARG A 132 -10.15 -13.03 -11.58
CA ARG A 132 -11.00 -14.22 -11.54
C ARG A 132 -10.49 -15.29 -12.48
N LYS A 133 -10.02 -14.90 -13.68
CA LYS A 133 -9.53 -15.88 -14.65
C LYS A 133 -8.29 -16.59 -14.15
N SER A 134 -7.46 -15.90 -13.38
CA SER A 134 -6.18 -16.43 -12.91
C SER A 134 -6.23 -16.94 -11.47
N GLN A 135 -7.40 -16.88 -10.82
CA GLN A 135 -7.53 -17.13 -9.39
C GLN A 135 -6.47 -16.34 -8.65
N GLY A 136 -6.37 -15.06 -9.01
CA GLY A 136 -5.38 -14.16 -8.46
C GLY A 136 -5.86 -13.55 -7.16
N ASN A 137 -5.19 -12.49 -6.73
CA ASN A 137 -5.50 -11.93 -5.41
C ASN A 137 -5.20 -10.43 -5.39
N VAL A 138 -5.80 -9.78 -4.39
CA VAL A 138 -5.68 -8.34 -4.16
C VAL A 138 -4.97 -8.15 -2.85
N ILE A 139 -3.99 -7.23 -2.80
CA ILE A 139 -3.32 -6.84 -1.57
C ILE A 139 -3.44 -5.33 -1.44
N ASN A 140 -4.14 -4.88 -0.42
CA ASN A 140 -4.23 -3.45 -0.16
C ASN A 140 -3.27 -3.06 0.96
N ILE A 141 -2.60 -1.92 0.80
CA ILE A 141 -1.70 -1.41 1.82
C ILE A 141 -2.50 -0.39 2.62
N SER A 142 -2.90 -0.80 3.82
CA SER A 142 -3.66 0.07 4.68
C SER A 142 -2.71 0.77 5.64
N SER A 143 -3.00 0.73 6.94
CA SER A 143 -2.14 1.31 7.96
C SER A 143 -2.60 0.83 9.32
N LEU A 144 -1.62 0.62 10.21
CA LEU A 144 -1.96 0.39 11.62
C LEU A 144 -2.86 1.47 12.18
N VAL A 145 -2.69 2.73 11.77
CA VAL A 145 -3.47 3.77 12.41
C VAL A 145 -4.92 3.74 12.01
N GLY A 146 -5.29 3.00 10.96
CA GLY A 146 -6.70 2.76 10.73
C GLY A 146 -7.35 1.99 11.85
N ALA A 147 -6.58 1.13 12.52
CA ALA A 147 -7.06 0.27 13.59
C ALA A 147 -7.00 0.93 14.97
N ILE A 148 -5.95 1.70 15.24
CA ILE A 148 -5.72 2.23 16.58
C ILE A 148 -5.79 3.75 16.64
N GLY A 149 -5.93 4.44 15.51
CA GLY A 149 -5.93 5.89 15.50
C GLY A 149 -4.54 6.49 15.49
N GLN A 150 -4.49 7.78 15.18
CA GLN A 150 -3.28 8.57 15.20
C GLN A 150 -3.69 9.99 15.50
N ALA A 151 -2.80 10.73 16.17
CA ALA A 151 -3.08 12.13 16.43
C ALA A 151 -2.84 12.98 15.18
N GLN A 152 -3.62 14.06 15.08
CA GLN A 152 -3.51 15.07 14.03
C GLN A 152 -3.56 14.44 12.63
N ALA A 153 -4.53 13.54 12.43
CA ALA A 153 -4.64 12.84 11.16
C ALA A 153 -6.04 12.30 10.91
N VAL A 154 -7.06 13.06 11.27
CA VAL A 154 -8.43 12.53 11.15
C VAL A 154 -8.72 12.04 9.73
N PRO A 155 -8.48 12.81 8.67
CA PRO A 155 -8.79 12.30 7.32
C PRO A 155 -7.99 11.07 6.95
N TYR A 156 -6.68 11.07 7.20
CA TYR A 156 -5.85 9.93 6.86
C TYR A 156 -6.34 8.67 7.56
N VAL A 157 -6.57 8.75 8.88
CA VAL A 157 -7.02 7.59 9.63
C VAL A 157 -8.32 7.06 9.08
N ALA A 158 -9.25 7.98 8.78
CA ALA A 158 -10.54 7.55 8.23
C ALA A 158 -10.34 6.79 6.92
N THR A 159 -9.43 7.27 6.05
CA THR A 159 -9.25 6.59 4.76
C THR A 159 -8.71 5.17 4.95
N LYS A 160 -7.83 4.99 5.94
CA LYS A 160 -7.25 3.66 6.15
C LYS A 160 -8.24 2.73 6.88
N GLY A 161 -9.06 3.25 7.79
CA GLY A 161 -10.11 2.41 8.30
C GLY A 161 -11.01 1.92 7.20
N ALA A 162 -11.27 2.79 6.22
CA ALA A 162 -12.11 2.38 5.09
C ALA A 162 -11.44 1.31 4.26
N VAL A 163 -10.13 1.43 4.04
CA VAL A 163 -9.45 0.43 3.21
C VAL A 163 -9.49 -0.93 3.88
N THR A 164 -9.22 -0.97 5.19
CA THR A 164 -9.20 -2.24 5.89
C THR A 164 -10.57 -2.88 5.88
N ALA A 165 -11.61 -2.09 6.13
CA ALA A 165 -12.97 -2.64 6.10
C ALA A 165 -13.36 -3.08 4.70
N MET A 166 -13.02 -2.29 3.69
CA MET A 166 -13.36 -2.63 2.31
C MET A 166 -12.72 -3.94 1.90
N THR A 167 -11.49 -4.17 2.37
CA THR A 167 -10.79 -5.42 2.14
C THR A 167 -11.61 -6.62 2.60
N LYS A 168 -12.22 -6.51 3.78
CA LYS A 168 -13.00 -7.63 4.31
C LYS A 168 -14.29 -7.84 3.52
N ALA A 169 -14.98 -6.75 3.16
CA ALA A 169 -16.19 -6.84 2.34
C ALA A 169 -15.92 -7.50 1.01
N LEU A 170 -14.87 -7.05 0.32
CA LEU A 170 -14.57 -7.60 -0.99
C LEU A 170 -14.11 -9.05 -0.87
N ALA A 171 -13.36 -9.38 0.18
CA ALA A 171 -12.97 -10.78 0.44
C ALA A 171 -14.22 -11.67 0.47
N LEU A 172 -15.26 -11.22 1.17
CA LEU A 172 -16.50 -11.97 1.19
C LEU A 172 -17.09 -12.11 -0.20
N ASP A 173 -17.16 -11.01 -0.95
CA ASP A 173 -17.82 -11.06 -2.26
C ASP A 173 -17.06 -11.91 -3.27
N GLU A 174 -15.73 -11.90 -3.22
CA GLU A 174 -14.95 -12.60 -4.24
C GLU A 174 -14.58 -14.01 -3.82
N SER A 175 -14.87 -14.41 -2.57
CA SER A 175 -14.52 -15.77 -2.15
C SER A 175 -15.15 -16.85 -3.02
N PRO A 176 -16.39 -16.74 -3.50
CA PRO A 176 -16.94 -17.80 -4.37
C PRO A 176 -16.21 -17.96 -5.67
N TYR A 177 -15.49 -16.93 -6.09
CA TYR A 177 -14.79 -16.94 -7.37
C TYR A 177 -13.31 -17.28 -7.19
N GLY A 178 -12.88 -17.59 -5.95
CA GLY A 178 -11.54 -18.02 -5.71
C GLY A 178 -10.51 -16.91 -5.65
N VAL A 179 -10.94 -15.66 -5.55
CA VAL A 179 -10.04 -14.51 -5.51
C VAL A 179 -9.94 -14.05 -4.06
N ARG A 180 -8.74 -14.09 -3.51
CA ARG A 180 -8.48 -13.65 -2.15
C ARG A 180 -8.20 -12.15 -2.14
N VAL A 181 -8.57 -11.51 -1.03
CA VAL A 181 -8.44 -10.07 -0.87
C VAL A 181 -7.93 -9.86 0.54
N ASN A 182 -6.71 -9.35 0.69
CA ASN A 182 -6.09 -9.20 1.98
C ASN A 182 -5.50 -7.79 2.06
N CYS A 183 -5.15 -7.37 3.29
CA CYS A 183 -4.43 -6.12 3.42
C CYS A 183 -3.25 -6.29 4.35
N ILE A 184 -2.28 -5.39 4.18
CA ILE A 184 -1.15 -5.22 5.08
C ILE A 184 -1.33 -3.87 5.75
N SER A 185 -1.20 -3.85 7.06
CA SER A 185 -1.20 -2.61 7.82
C SER A 185 0.20 -2.37 8.35
N PRO A 186 1.02 -1.57 7.66
CA PRO A 186 2.32 -1.21 8.21
C PRO A 186 2.15 -0.19 9.32
N GLY A 187 3.12 -0.21 10.23
CA GLY A 187 3.37 0.87 11.15
C GLY A 187 4.37 1.83 10.58
N ASN A 188 5.26 2.32 11.43
CA ASN A 188 6.28 3.25 10.97
C ASN A 188 7.28 2.54 10.08
N ILE A 189 7.25 2.84 8.79
CA ILE A 189 8.22 2.34 7.81
C ILE A 189 9.07 3.51 7.32
N TRP A 190 10.39 3.34 7.29
CA TRP A 190 11.26 4.45 6.87
C TRP A 190 11.22 4.57 5.35
N THR A 191 10.57 5.61 4.87
CA THR A 191 10.34 5.86 3.46
C THR A 191 10.55 7.33 3.17
N PRO A 192 10.60 7.73 1.90
CA PRO A 192 10.72 9.16 1.62
C PRO A 192 9.59 9.98 2.19
N LEU A 193 8.36 9.44 2.25
CA LEU A 193 7.28 10.18 2.89
C LEU A 193 7.58 10.41 4.37
N TRP A 194 8.03 9.37 5.07
CA TRP A 194 8.38 9.56 6.49
C TRP A 194 9.42 10.66 6.63
N GLU A 195 10.47 10.62 5.80
CA GLU A 195 11.54 11.60 5.88
C GLU A 195 11.04 13.00 5.56
N GLU A 196 10.14 13.12 4.57
CA GLU A 196 9.54 14.41 4.22
C GLU A 196 8.69 14.99 5.34
N LEU A 197 7.84 14.15 5.96
CA LEU A 197 7.02 14.64 7.07
C LEU A 197 7.87 15.05 8.25
N ALA A 198 8.90 14.27 8.57
CA ALA A 198 9.76 14.64 9.71
C ALA A 198 10.47 15.96 9.45
N ALA A 199 10.85 16.23 8.20
CA ALA A 199 11.58 17.46 7.89
C ALA A 199 10.74 18.70 8.10
N LEU A 200 9.41 18.56 8.10
CA LEU A 200 8.50 19.67 8.36
C LEU A 200 8.41 20.05 9.83
N MET A 201 8.88 19.19 10.72
CA MET A 201 8.66 19.38 12.15
C MET A 201 9.71 20.29 12.74
N PRO A 202 9.43 20.87 13.91
CA PRO A 202 10.42 21.73 14.56
C PRO A 202 11.77 21.07 14.76
N ASP A 203 11.77 19.82 15.21
CA ASP A 203 13.00 19.09 15.49
C ASP A 203 12.87 17.77 14.75
N PRO A 204 13.20 17.75 13.45
CA PRO A 204 13.09 16.51 12.68
C PRO A 204 13.78 15.32 13.31
N ARG A 205 14.98 15.51 13.88
CA ARG A 205 15.70 14.39 14.47
C ARG A 205 14.96 13.83 15.67
N ALA A 206 14.37 14.70 16.49
CA ALA A 206 13.59 14.23 17.63
C ALA A 206 12.34 13.48 17.16
N THR A 207 11.67 14.00 16.12
CA THR A 207 10.51 13.31 15.57
C THR A 207 10.89 11.91 15.09
N ILE A 208 12.02 11.78 14.40
CA ILE A 208 12.45 10.46 13.93
C ILE A 208 12.77 9.54 15.10
N ARG A 209 13.43 10.06 16.15
CA ARG A 209 13.71 9.23 17.31
C ARG A 209 12.42 8.75 17.97
N GLU A 210 11.43 9.63 18.11
CA GLU A 210 10.13 9.21 18.66
C GLU A 210 9.51 8.13 17.79
N GLY A 211 9.66 8.26 16.47
CA GLY A 211 9.12 7.26 15.57
C GLY A 211 9.75 5.89 15.75
N MET A 212 11.07 5.85 15.93
CA MET A 212 11.76 4.59 16.18
C MET A 212 11.31 3.96 17.49
N LEU A 213 11.20 4.76 18.55
CA LEU A 213 10.89 4.22 19.86
C LEU A 213 9.43 3.92 20.06
N ALA A 214 8.58 4.19 19.07
CA ALA A 214 7.17 3.82 19.17
C ALA A 214 6.99 2.32 19.01
N GLN A 215 8.03 1.62 18.55
CA GLN A 215 8.01 0.17 18.36
C GLN A 215 8.79 -0.50 19.48
N PRO A 216 8.26 -1.55 20.10
CA PRO A 216 9.09 -2.37 20.99
C PRO A 216 10.41 -2.80 20.38
N LEU A 217 10.46 -3.05 19.05
CA LEU A 217 11.71 -3.41 18.40
C LEU A 217 12.70 -2.25 18.32
N GLY A 218 12.28 -1.03 18.61
CA GLY A 218 13.20 0.09 18.71
C GLY A 218 13.73 0.64 17.40
N ARG A 219 13.14 0.25 16.27
CA ARG A 219 13.51 0.77 14.97
C ARG A 219 12.23 0.88 14.14
N MET A 220 12.32 1.59 13.03
CA MET A 220 11.26 1.57 12.04
C MET A 220 11.44 0.37 11.11
N GLY A 221 10.40 0.08 10.36
CA GLY A 221 10.43 -1.01 9.40
C GLY A 221 11.00 -0.58 8.07
N GLN A 222 11.26 -1.57 7.22
CA GLN A 222 11.80 -1.32 5.91
C GLN A 222 10.82 -1.69 4.82
N PRO A 223 10.85 -1.00 3.69
CA PRO A 223 10.06 -1.42 2.51
C PRO A 223 10.22 -2.89 2.18
N ALA A 224 11.43 -3.43 2.27
CA ALA A 224 11.65 -4.84 1.97
C ALA A 224 10.82 -5.75 2.87
N GLU A 225 10.59 -5.35 4.12
CA GLU A 225 9.80 -6.15 5.05
C GLU A 225 8.32 -6.12 4.68
N VAL A 226 7.80 -4.98 4.23
CA VAL A 226 6.44 -4.99 3.71
C VAL A 226 6.38 -5.83 2.43
N GLY A 227 7.42 -5.74 1.60
CA GLY A 227 7.44 -6.53 0.38
C GLY A 227 7.40 -8.02 0.63
N ALA A 228 8.16 -8.50 1.63
CA ALA A 228 8.12 -9.92 1.94
C ALA A 228 6.72 -10.35 2.39
N ALA A 229 6.06 -9.50 3.18
CA ALA A 229 4.69 -9.79 3.60
C ALA A 229 3.76 -9.86 2.40
N ALA A 230 3.96 -8.98 1.40
CA ALA A 230 3.10 -9.01 0.21
C ALA A 230 3.34 -10.28 -0.60
N VAL A 231 4.59 -10.68 -0.77
CA VAL A 231 4.87 -11.92 -1.51
C VAL A 231 4.28 -13.13 -0.80
N PHE A 232 4.35 -13.16 0.54
CA PHE A 232 3.70 -14.24 1.28
C PHE A 232 2.20 -14.29 0.99
N LEU A 233 1.52 -13.15 1.09
CA LEU A 233 0.08 -13.12 0.86
C LEU A 233 -0.27 -13.57 -0.54
N ALA A 234 0.51 -13.18 -1.53
CA ALA A 234 0.21 -13.52 -2.91
C ALA A 234 0.46 -14.99 -3.19
N SER A 235 1.60 -15.50 -2.73
CA SER A 235 2.14 -16.77 -3.22
C SER A 235 1.92 -17.98 -2.30
N GLU A 236 1.73 -17.78 -0.99
CA GLU A 236 1.74 -18.87 -0.03
C GLU A 236 0.60 -18.82 0.99
N ALA A 237 -0.31 -17.86 0.89
CA ALA A 237 -1.34 -17.69 1.91
C ALA A 237 -2.69 -18.09 1.35
N ASN A 238 -2.78 -19.30 0.82
CA ASN A 238 -3.94 -19.68 0.03
C ASN A 238 -5.21 -19.87 0.83
N PHE A 239 -5.13 -19.96 2.17
CA PHE A 239 -6.29 -20.06 3.05
C PHE A 239 -6.52 -18.75 3.79
N CYS A 240 -5.83 -17.68 3.40
CA CYS A 240 -6.02 -16.36 4.01
C CYS A 240 -6.80 -15.49 3.06
N THR A 241 -7.94 -14.99 3.53
CA THR A 241 -8.64 -13.97 2.80
C THR A 241 -9.30 -13.06 3.82
N GLY A 242 -9.27 -11.77 3.51
CA GLY A 242 -9.84 -10.80 4.42
C GLY A 242 -9.02 -10.52 5.66
N ILE A 243 -7.73 -10.86 5.68
CA ILE A 243 -6.93 -10.62 6.86
C ILE A 243 -6.26 -9.27 6.76
N GLU A 244 -5.86 -8.79 7.93
CA GLU A 244 -5.09 -7.57 8.11
C GLU A 244 -3.77 -8.00 8.71
N LEU A 245 -2.72 -8.01 7.88
CA LEU A 245 -1.41 -8.47 8.31
C LEU A 245 -0.62 -7.29 8.84
N LEU A 246 -0.31 -7.31 10.14
CA LEU A 246 0.36 -6.18 10.79
C LEU A 246 1.85 -6.28 10.59
N VAL A 247 2.44 -5.21 10.09
CA VAL A 247 3.89 -5.12 9.92
C VAL A 247 4.29 -3.83 10.60
N THR A 248 4.39 -3.89 11.93
CA THR A 248 4.41 -2.71 12.77
C THR A 248 5.50 -2.72 13.84
N GLY A 249 6.27 -3.81 13.97
CA GLY A 249 7.28 -3.87 15.00
C GLY A 249 6.73 -3.92 16.42
N GLY A 250 5.45 -4.24 16.58
CA GLY A 250 4.83 -4.31 17.88
C GLY A 250 4.28 -3.00 18.43
N ALA A 251 4.15 -1.97 17.59
CA ALA A 251 3.74 -0.65 18.08
C ALA A 251 2.38 -0.69 18.79
N GLU A 252 1.48 -1.58 18.37
CA GLU A 252 0.15 -1.67 18.96
C GLU A 252 0.12 -2.37 20.31
N LEU A 253 1.26 -2.91 20.77
CA LEU A 253 1.34 -3.68 22.01
C LEU A 253 1.68 -2.79 23.20
N GLY A 254 1.06 -3.09 24.33
CA GLY A 254 1.44 -2.51 25.60
C GLY A 254 1.03 -1.07 25.75
N TYR A 255 1.33 -0.55 26.96
CA TYR A 255 1.12 0.83 27.35
C TYR A 255 2.30 1.70 26.94
N GLY A 256 2.01 2.96 26.64
CA GLY A 256 3.04 3.91 26.24
C GLY A 256 2.73 5.31 26.70
N CYS A 257 3.33 6.32 26.06
N CYS A 257 3.32 6.30 26.04
CA CYS A 257 3.11 7.73 26.41
CA CYS A 257 3.12 7.71 26.37
C CYS A 257 2.07 8.30 25.45
C CYS A 257 2.05 8.27 25.41
N LYS A 258 0.83 8.43 25.92
CA LYS A 258 -0.27 8.89 25.08
C LYS A 258 -0.80 10.28 25.45
N ALA A 259 -0.45 10.80 26.61
CA ALA A 259 -0.86 12.14 27.01
C ALA A 259 0.30 13.12 26.88
N PRO A 268 -4.66 11.34 41.10
CA PRO A 268 -4.19 10.54 39.97
C PRO A 268 -5.34 10.07 39.09
N ASP A 269 -6.54 10.03 39.65
CA ASP A 269 -7.73 9.56 38.95
C ASP A 269 -8.73 10.70 38.70
N ILE A 270 -8.25 11.95 38.68
CA ILE A 270 -9.07 13.09 38.30
C ILE A 270 -8.20 14.08 37.53
#